data_3VIA
#
_entry.id   3VIA
#
_cell.length_a   34.283
_cell.length_b   54.267
_cell.length_c   111.638
_cell.angle_alpha   90.00
_cell.angle_beta   90.00
_cell.angle_gamma   90.00
#
_symmetry.space_group_name_H-M   'P 21 21 21'
#
loop_
_entity.id
_entity.type
_entity.pdbx_description
1 polymer 'Pleckstrin homology domain-containing family B member 2'
2 water water
#
_entity_poly.entity_id   1
_entity_poly.type   'polypeptide(L)'
_entity_poly.pdbx_seq_one_letter_code
;GSMAFVKSGWLLRQSTILKRWKKNWFDLWSDGHLIYYDDQTRQNIEDKVHMPMDCINIRTGQECRDTQPPDGKSKDCMLQ
IVCRDGKTISLCAESTDDCLAWKFTLQDSRTN
;
_entity_poly.pdbx_strand_id   A,B
#
# COMPACT_ATOMS: atom_id res chain seq x y z
N GLY A 1 -5.66 -0.41 15.40
CA GLY A 1 -4.44 -1.19 15.07
C GLY A 1 -4.74 -2.58 14.57
N SER A 2 -5.35 -2.67 13.40
CA SER A 2 -5.69 -3.95 12.77
C SER A 2 -4.63 -4.43 11.76
N MET A 3 -3.73 -3.55 11.40
CA MET A 3 -2.68 -3.86 10.42
C MET A 3 -1.29 -3.46 10.91
N ALA A 4 -0.27 -4.08 10.34
CA ALA A 4 1.14 -3.77 10.60
C ALA A 4 2.03 -4.40 9.52
N PHE A 5 3.34 -4.13 9.56
CA PHE A 5 4.29 -4.78 8.64
C PHE A 5 4.91 -6.05 9.25
N VAL A 6 5.01 -7.09 8.43
CA VAL A 6 5.52 -8.39 8.86
C VAL A 6 7.03 -8.49 8.66
N LYS A 7 7.49 -8.01 7.51
CA LYS A 7 8.91 -8.03 7.20
C LYS A 7 9.24 -6.94 6.20
N SER A 8 10.38 -6.28 6.41
CA SER A 8 10.85 -5.22 5.53
C SER A 8 12.35 -5.35 5.29
N GLY A 9 12.81 -4.92 4.12
CA GLY A 9 14.25 -4.93 3.86
C GLY A 9 14.59 -4.77 2.40
N TRP A 10 15.88 -4.66 2.14
CA TRP A 10 16.38 -4.56 0.77
C TRP A 10 16.43 -5.93 0.12
N LEU A 11 16.03 -5.98 -1.15
CA LEU A 11 16.31 -7.11 -2.00
C LEU A 11 16.66 -6.61 -3.39
N LEU A 12 17.43 -7.39 -4.13
CA LEU A 12 17.59 -7.11 -5.55
C LEU A 12 16.40 -7.67 -6.30
N ARG A 13 15.90 -6.89 -7.26
CA ARG A 13 14.81 -7.36 -8.11
C ARG A 13 15.24 -7.27 -9.56
N GLN A 14 14.94 -8.31 -10.33
CA GLN A 14 15.24 -8.32 -11.76
C GLN A 14 14.26 -7.38 -12.47
N SER A 15 14.81 -6.31 -13.05
CA SER A 15 13.98 -5.31 -13.72
C SER A 15 13.71 -5.74 -15.16
N THR A 16 12.44 -5.85 -15.51
CA THR A 16 12.02 -6.18 -16.88
C THR A 16 12.15 -4.99 -17.82
N ILE A 17 12.42 -3.81 -17.25
CA ILE A 17 12.71 -2.62 -18.06
C ILE A 17 14.21 -2.53 -18.33
N LEU A 18 15.01 -2.53 -17.27
CA LEU A 18 16.46 -2.37 -17.38
C LEU A 18 17.17 -3.64 -17.84
N LYS A 19 16.47 -4.79 -17.73
CA LYS A 19 17.05 -6.12 -18.00
C LYS A 19 18.31 -6.41 -17.17
N ARG A 20 18.26 -5.97 -15.90
CA ARG A 20 19.33 -6.23 -14.94
C ARG A 20 18.74 -6.15 -13.53
N TRP A 21 19.55 -6.54 -12.55
CA TRP A 21 19.14 -6.51 -11.15
C TRP A 21 19.18 -5.09 -10.58
N LYS A 22 18.12 -4.73 -9.86
CA LYS A 22 17.96 -3.40 -9.29
C LYS A 22 17.64 -3.52 -7.81
N LYS A 23 18.30 -2.69 -6.99
CA LYS A 23 18.01 -2.65 -5.56
C LYS A 23 16.68 -1.97 -5.28
N ASN A 24 15.81 -2.64 -4.53
CA ASN A 24 14.52 -2.08 -4.12
C ASN A 24 14.29 -2.31 -2.62
N TRP A 25 13.52 -1.44 -1.98
CA TRP A 25 13.07 -1.67 -0.60
C TRP A 25 11.69 -2.32 -0.59
N PHE A 26 11.55 -3.39 0.20
CA PHE A 26 10.32 -4.19 0.28
C PHE A 26 9.69 -4.12 1.65
N ASP A 27 8.36 -3.94 1.67
CA ASP A 27 7.58 -4.09 2.90
C ASP A 27 6.53 -5.16 2.63
N LEU A 28 6.46 -6.14 3.52
CA LEU A 28 5.41 -7.15 3.46
C LEU A 28 4.39 -6.87 4.55
N TRP A 29 3.15 -6.61 4.14
CA TRP A 29 2.08 -6.21 5.05
C TRP A 29 1.36 -7.41 5.66
N SER A 30 0.69 -7.19 6.79
CA SER A 30 -0.03 -8.26 7.50
C SER A 30 -1.22 -8.82 6.72
N ASP A 31 -1.69 -8.07 5.72
CA ASP A 31 -2.79 -8.54 4.86
C ASP A 31 -2.30 -9.16 3.54
N GLY A 32 -0.98 -9.38 3.44
CA GLY A 32 -0.42 -10.03 2.26
C GLY A 32 0.03 -9.13 1.13
N HIS A 33 -0.10 -7.81 1.27
CA HIS A 33 0.52 -6.90 0.32
C HIS A 33 2.03 -7.01 0.41
N LEU A 34 2.68 -7.17 -0.74
CA LEU A 34 4.12 -6.94 -0.85
C LEU A 34 4.29 -5.67 -1.68
N ILE A 35 4.82 -4.61 -1.06
CA ILE A 35 5.08 -3.37 -1.79
C ILE A 35 6.58 -3.13 -1.91
N TYR A 36 7.02 -2.72 -3.10
CA TYR A 36 8.43 -2.38 -3.27
C TYR A 36 8.63 -1.00 -3.87
N TYR A 37 9.76 -0.39 -3.49
CA TYR A 37 10.03 1.02 -3.73
C TYR A 37 11.46 1.20 -4.20
N ASP A 38 11.72 2.35 -4.83
CA ASP A 38 13.06 2.81 -5.20
C ASP A 38 14.02 2.84 -4.02
N ASP A 39 13.50 3.23 -2.85
CA ASP A 39 14.31 3.27 -1.65
C ASP A 39 13.49 3.15 -0.36
N GLN A 40 14.21 3.15 0.76
CA GLN A 40 13.65 2.84 2.07
C GLN A 40 12.70 3.92 2.62
N THR A 41 12.60 5.05 1.93
CA THR A 41 11.74 6.15 2.35
C THR A 41 10.26 5.88 2.01
N ARG A 42 10.03 4.88 1.17
CA ARG A 42 8.69 4.46 0.76
C ARG A 42 7.94 5.56 0.01
N GLN A 43 8.69 6.42 -0.69
CA GLN A 43 8.12 7.56 -1.40
C GLN A 43 7.82 7.28 -2.86
N ASN A 44 8.61 6.40 -3.47
CA ASN A 44 8.49 6.08 -4.89
C ASN A 44 8.21 4.61 -5.11
N ILE A 45 6.95 4.26 -5.29
CA ILE A 45 6.55 2.86 -5.53
C ILE A 45 7.07 2.35 -6.87
N GLU A 46 7.64 1.15 -6.84
CA GLU A 46 7.98 0.43 -8.06
C GLU A 46 6.77 -0.39 -8.51
N ASP A 47 6.30 -1.27 -7.64
CA ASP A 47 5.10 -2.06 -7.92
C ASP A 47 4.61 -2.72 -6.63
N LYS A 48 3.54 -3.50 -6.75
CA LYS A 48 2.92 -4.20 -5.62
C LYS A 48 2.49 -5.59 -6.06
N VAL A 49 2.37 -6.49 -5.08
CA VAL A 49 1.74 -7.80 -5.31
C VAL A 49 0.76 -8.04 -4.16
N HIS A 50 -0.44 -8.48 -4.49
CA HIS A 50 -1.37 -8.99 -3.48
C HIS A 50 -1.09 -10.47 -3.36
N MET A 51 -0.29 -10.86 -2.36
CA MET A 51 0.18 -12.26 -2.29
C MET A 51 -0.94 -13.31 -2.24
N PRO A 52 -1.98 -13.11 -1.40
CA PRO A 52 -3.04 -14.12 -1.37
C PRO A 52 -3.77 -14.29 -2.70
N MET A 53 -4.05 -13.17 -3.38
CA MET A 53 -4.86 -13.20 -4.60
C MET A 53 -4.05 -13.40 -5.90
N ASP A 54 -2.83 -12.88 -5.94
CA ASP A 54 -2.04 -12.83 -7.19
C ASP A 54 -1.06 -13.98 -7.34
N CYS A 55 -0.50 -14.46 -6.23
CA CYS A 55 0.59 -15.44 -6.29
C CYS A 55 0.09 -16.86 -6.46
N ILE A 56 0.57 -17.52 -7.51
CA ILE A 56 0.18 -18.91 -7.80
C ILE A 56 1.32 -19.90 -7.53
N ASN A 57 2.54 -19.39 -7.37
CA ASN A 57 3.69 -20.23 -7.03
C ASN A 57 4.83 -19.37 -6.51
N ILE A 58 5.62 -19.94 -5.59
CA ILE A 58 6.91 -19.37 -5.20
C ILE A 58 7.98 -20.40 -5.43
N ARG A 59 9.03 -20.00 -6.15
CA ARG A 59 10.18 -20.83 -6.44
C ARG A 59 11.36 -20.27 -5.67
N THR A 60 12.22 -21.15 -5.18
CA THR A 60 13.43 -20.73 -4.47
C THR A 60 14.63 -21.54 -4.95
N GLY A 61 15.79 -20.91 -4.99
CA GLY A 61 17.03 -21.60 -5.36
C GLY A 61 17.00 -22.21 -6.74
N GLN A 62 17.35 -23.49 -6.82
N GLN A 62 17.33 -23.49 -6.82
CA GLN A 62 17.41 -24.23 -8.08
CA GLN A 62 17.41 -24.24 -8.08
C GLN A 62 16.08 -24.23 -8.84
C GLN A 62 16.07 -24.32 -8.82
N GLU A 63 14.98 -24.05 -8.12
CA GLU A 63 13.64 -24.01 -8.73
C GLU A 63 13.42 -22.83 -9.66
N CYS A 64 14.19 -21.74 -9.46
CA CYS A 64 14.03 -20.54 -10.27
C CYS A 64 14.33 -20.79 -11.76
N ARG A 65 13.52 -20.18 -12.62
CA ARG A 65 13.62 -20.41 -14.06
C ARG A 65 13.88 -19.12 -14.82
N ASP A 66 14.64 -19.22 -15.91
CA ASP A 66 14.81 -18.13 -16.90
C ASP A 66 15.57 -16.88 -16.43
N THR A 67 16.05 -16.88 -15.19
CA THR A 67 16.67 -15.67 -14.64
C THR A 67 18.06 -15.96 -14.04
N GLN A 68 19.07 -15.33 -14.62
CA GLN A 68 20.44 -15.48 -14.15
C GLN A 68 20.62 -14.69 -12.87
N PRO A 69 21.29 -15.28 -11.87
CA PRO A 69 21.56 -14.57 -10.63
C PRO A 69 22.50 -13.39 -10.86
N PRO A 70 22.53 -12.44 -9.90
CA PRO A 70 23.51 -11.36 -9.97
C PRO A 70 24.91 -11.95 -9.98
N ASP A 71 25.86 -11.23 -10.58
CA ASP A 71 27.23 -11.71 -10.66
C ASP A 71 27.76 -12.07 -9.28
N GLY A 72 28.39 -13.24 -9.17
CA GLY A 72 28.96 -13.72 -7.91
C GLY A 72 28.00 -14.42 -6.97
N LYS A 73 26.70 -14.40 -7.28
CA LYS A 73 25.69 -15.02 -6.44
C LYS A 73 25.19 -16.34 -7.04
N SER A 74 24.80 -17.27 -6.16
CA SER A 74 24.23 -18.54 -6.61
C SER A 74 22.71 -18.43 -6.68
N LYS A 75 22.08 -19.42 -7.31
CA LYS A 75 20.63 -19.48 -7.40
C LYS A 75 20.00 -19.59 -6.02
N ASP A 76 20.78 -20.08 -5.05
CA ASP A 76 20.27 -20.28 -3.68
C ASP A 76 19.93 -18.99 -2.95
N CYS A 77 20.39 -17.85 -3.49
CA CYS A 77 20.00 -16.55 -2.96
C CYS A 77 18.69 -16.03 -3.57
N MET A 78 18.20 -16.74 -4.59
CA MET A 78 17.08 -16.23 -5.38
C MET A 78 15.73 -16.79 -4.99
N LEU A 79 14.70 -15.96 -5.18
CA LEU A 79 13.33 -16.35 -5.02
C LEU A 79 12.55 -15.82 -6.22
N GLN A 80 11.51 -16.54 -6.63
CA GLN A 80 10.60 -16.02 -7.66
C GLN A 80 9.15 -16.09 -7.22
N ILE A 81 8.46 -14.95 -7.33
CA ILE A 81 7.03 -14.87 -7.11
C ILE A 81 6.31 -14.96 -8.46
N VAL A 82 5.63 -16.07 -8.70
CA VAL A 82 4.90 -16.27 -9.95
C VAL A 82 3.46 -15.82 -9.77
N CYS A 83 3.00 -14.92 -10.62
CA CYS A 83 1.68 -14.33 -10.49
C CYS A 83 0.71 -14.82 -11.56
N ARG A 84 -0.59 -14.64 -11.33
CA ARG A 84 -1.63 -15.19 -12.21
C ARG A 84 -1.79 -14.43 -13.53
N ASP A 85 -1.32 -13.19 -13.59
CA ASP A 85 -1.36 -12.42 -14.85
C ASP A 85 -0.19 -12.78 -15.78
N GLY A 86 0.57 -13.79 -15.39
CA GLY A 86 1.71 -14.26 -16.18
C GLY A 86 3.01 -13.56 -15.85
N LYS A 87 2.99 -12.65 -14.88
CA LYS A 87 4.19 -11.95 -14.47
C LYS A 87 4.94 -12.74 -13.38
N THR A 88 6.25 -12.81 -13.52
CA THR A 88 7.10 -13.37 -12.48
C THR A 88 8.01 -12.29 -11.92
N ILE A 89 8.09 -12.20 -10.60
CA ILE A 89 8.96 -11.23 -9.92
C ILE A 89 10.16 -11.98 -9.38
N SER A 90 11.34 -11.68 -9.93
CA SER A 90 12.56 -12.35 -9.54
C SER A 90 13.32 -11.52 -8.52
N LEU A 91 13.64 -12.16 -7.41
CA LEU A 91 14.29 -11.50 -6.28
C LEU A 91 15.59 -12.20 -5.91
N CYS A 92 16.51 -11.44 -5.32
CA CYS A 92 17.76 -12.01 -4.83
C CYS A 92 18.14 -11.38 -3.50
N ALA A 93 18.29 -12.22 -2.49
CA ALA A 93 18.76 -11.80 -1.18
C ALA A 93 20.30 -11.81 -1.15
N GLU A 94 20.88 -11.31 -0.06
CA GLU A 94 22.33 -11.27 0.10
C GLU A 94 22.95 -12.62 0.42
N SER A 95 22.13 -13.53 0.95
CA SER A 95 22.61 -14.85 1.33
C SER A 95 21.51 -15.89 1.21
N THR A 96 21.91 -17.15 1.27
CA THR A 96 20.96 -18.27 1.31
C THR A 96 20.01 -18.16 2.49
N ASP A 97 20.53 -17.82 3.67
CA ASP A 97 19.72 -17.72 4.88
C ASP A 97 18.73 -16.56 4.84
N ASP A 98 19.16 -15.44 4.26
CA ASP A 98 18.25 -14.33 4.03
C ASP A 98 17.15 -14.72 3.04
N CYS A 99 17.53 -15.45 1.99
CA CYS A 99 16.54 -15.94 1.01
C CYS A 99 15.50 -16.86 1.66
N LEU A 100 15.97 -17.79 2.49
CA LEU A 100 15.06 -18.71 3.16
C LEU A 100 14.13 -18.00 4.16
N ALA A 101 14.63 -16.94 4.81
CA ALA A 101 13.80 -16.14 5.71
C ALA A 101 12.68 -15.46 4.92
N TRP A 102 13.02 -14.87 3.79
CA TRP A 102 12.00 -14.26 2.94
C TRP A 102 11.04 -15.31 2.43
N LYS A 103 11.55 -16.49 2.10
CA LYS A 103 10.71 -17.56 1.54
C LYS A 103 9.57 -17.93 2.48
N PHE A 104 9.89 -18.24 3.73
CA PHE A 104 8.85 -18.72 4.64
C PHE A 104 7.83 -17.61 4.94
N THR A 105 8.31 -16.37 5.03
CA THR A 105 7.43 -15.24 5.33
C THR A 105 6.51 -14.93 4.16
N LEU A 106 7.06 -14.93 2.94
CA LEU A 106 6.27 -14.76 1.71
C LEU A 106 5.25 -15.89 1.52
N GLN A 107 5.67 -17.13 1.79
CA GLN A 107 4.76 -18.27 1.73
C GLN A 107 3.58 -18.08 2.70
N ASP A 108 3.88 -17.74 3.94
N ASP A 108 3.87 -17.74 3.95
CA ASP A 108 2.86 -17.48 4.96
CA ASP A 108 2.79 -17.51 4.92
C ASP A 108 1.92 -16.34 4.58
C ASP A 108 1.90 -16.35 4.55
N SER A 109 2.47 -15.31 3.92
CA SER A 109 1.70 -14.15 3.50
C SER A 109 0.56 -14.48 2.52
N ARG A 110 0.72 -15.58 1.78
CA ARG A 110 -0.30 -16.03 0.84
C ARG A 110 -1.55 -16.56 1.57
N THR A 111 -1.39 -16.87 2.85
CA THR A 111 -2.50 -17.39 3.65
C THR A 111 -3.30 -16.30 4.37
N ASN A 112 -2.91 -15.05 4.16
CA ASN A 112 -3.51 -13.91 4.84
C ASN A 112 -4.75 -13.33 4.16
N GLY B 1 8.38 2.21 -12.83
CA GLY B 1 7.15 1.60 -13.43
C GLY B 1 6.12 2.64 -13.82
N SER B 2 4.85 2.27 -13.73
CA SER B 2 3.76 3.19 -14.02
C SER B 2 3.12 3.80 -12.76
N MET B 3 3.37 3.16 -11.61
CA MET B 3 2.77 3.58 -10.34
C MET B 3 3.44 4.79 -9.67
N ALA B 4 2.63 5.60 -8.98
CA ALA B 4 3.10 6.77 -8.22
C ALA B 4 2.04 7.23 -7.21
N PHE B 5 2.33 8.32 -6.48
CA PHE B 5 1.37 8.93 -5.54
C PHE B 5 0.62 10.09 -6.19
N VAL B 6 -0.71 10.03 -6.17
CA VAL B 6 -1.55 11.10 -6.70
C VAL B 6 -1.60 12.30 -5.73
N LYS B 7 -1.84 11.99 -4.45
CA LYS B 7 -1.95 13.03 -3.42
C LYS B 7 -1.54 12.46 -2.07
N SER B 8 -0.85 13.27 -1.28
CA SER B 8 -0.42 12.88 0.06
C SER B 8 -0.61 14.02 1.03
N GLY B 9 -0.87 13.72 2.30
CA GLY B 9 -1.02 14.75 3.31
C GLY B 9 -1.74 14.29 4.57
N TRP B 10 -1.82 15.20 5.54
CA TRP B 10 -2.49 14.92 6.80
C TRP B 10 -3.99 15.13 6.69
N LEU B 11 -4.76 14.25 7.30
CA LEU B 11 -6.19 14.46 7.52
C LEU B 11 -6.53 13.97 8.91
N LEU B 12 -7.57 14.57 9.50
CA LEU B 12 -8.15 14.00 10.72
C LEU B 12 -9.11 12.90 10.32
N ARG B 13 -9.08 11.79 11.06
CA ARG B 13 -9.96 10.66 10.81
C ARG B 13 -10.76 10.28 12.04
N GLN B 14 -12.06 10.04 11.86
CA GLN B 14 -12.91 9.56 12.95
C GLN B 14 -13.53 8.21 12.64
N SER B 15 -13.46 7.29 13.60
CA SER B 15 -14.16 6.01 13.56
C SER B 15 -15.59 6.19 14.09
N THR B 16 -16.57 5.53 13.47
CA THR B 16 -17.96 5.62 13.93
C THR B 16 -18.15 5.03 15.33
N ILE B 17 -17.34 4.03 15.66
CA ILE B 17 -17.43 3.33 16.95
C ILE B 17 -16.78 4.13 18.09
N LEU B 18 -15.57 4.63 17.86
CA LEU B 18 -14.84 5.37 18.89
C LEU B 18 -15.22 6.86 18.97
N LYS B 19 -15.54 7.45 17.82
CA LYS B 19 -16.02 8.85 17.72
C LYS B 19 -15.02 9.89 18.25
N ARG B 20 -13.75 9.63 18.00
CA ARG B 20 -12.68 10.55 18.33
C ARG B 20 -11.83 10.78 17.10
N TRP B 21 -11.44 12.03 16.88
CA TRP B 21 -10.64 12.41 15.73
C TRP B 21 -9.16 12.17 15.97
N LYS B 22 -8.49 11.57 14.99
CA LYS B 22 -7.07 11.28 15.06
C LYS B 22 -6.35 11.77 13.80
N LYS B 23 -5.20 12.42 14.00
CA LYS B 23 -4.35 12.84 12.90
C LYS B 23 -3.67 11.62 12.26
N ASN B 24 -3.86 11.46 10.94
CA ASN B 24 -3.24 10.37 10.17
C ASN B 24 -2.61 10.90 8.88
N TRP B 25 -1.56 10.23 8.39
CA TRP B 25 -0.97 10.57 7.10
C TRP B 25 -1.58 9.71 6.00
N PHE B 26 -2.04 10.34 4.92
CA PHE B 26 -2.72 9.64 3.84
C PHE B 26 -1.91 9.67 2.55
N ASP B 27 -1.80 8.53 1.88
CA ASP B 27 -1.31 8.49 0.51
C ASP B 27 -2.36 7.90 -0.42
N LEU B 28 -2.61 8.60 -1.51
CA LEU B 28 -3.52 8.10 -2.55
C LEU B 28 -2.68 7.65 -3.75
N TRP B 29 -2.68 6.34 -4.00
CA TRP B 29 -1.87 5.77 -5.07
C TRP B 29 -2.57 5.88 -6.42
N SER B 30 -1.77 5.79 -7.48
CA SER B 30 -2.26 5.86 -8.86
C SER B 30 -3.19 4.71 -9.26
N ASP B 31 -3.18 3.62 -8.49
CA ASP B 31 -4.03 2.47 -8.78
C ASP B 31 -5.25 2.42 -7.88
N GLY B 32 -5.49 3.50 -7.13
CA GLY B 32 -6.69 3.62 -6.33
C GLY B 32 -6.59 3.21 -4.87
N HIS B 33 -5.40 2.78 -4.42
CA HIS B 33 -5.21 2.52 -2.98
C HIS B 33 -5.18 3.84 -2.22
N LEU B 34 -5.95 3.91 -1.14
CA LEU B 34 -5.80 4.98 -0.17
C LEU B 34 -5.24 4.33 1.10
N ILE B 35 -4.02 4.69 1.47
CA ILE B 35 -3.39 4.11 2.65
C ILE B 35 -3.21 5.22 3.66
N TYR B 36 -3.46 4.92 4.93
CA TYR B 36 -3.20 5.89 5.98
C TYR B 36 -2.39 5.30 7.13
N TYR B 37 -1.62 6.17 7.76
CA TYR B 37 -0.60 5.78 8.71
C TYR B 37 -0.62 6.78 9.86
N ASP B 38 0.07 6.44 10.95
N ASP B 38 0.07 6.47 10.95
CA ASP B 38 0.28 7.35 12.07
CA ASP B 38 0.18 7.43 12.05
C ASP B 38 1.00 8.62 11.60
C ASP B 38 1.11 8.61 11.72
N ASP B 39 2.00 8.44 10.75
CA ASP B 39 2.90 9.54 10.31
C ASP B 39 3.56 9.32 8.94
N GLN B 40 4.38 10.30 8.54
N GLN B 40 4.37 10.29 8.52
CA GLN B 40 5.03 10.34 7.22
CA GLN B 40 4.93 10.26 7.16
C GLN B 40 6.04 9.23 6.96
C GLN B 40 6.10 9.30 6.98
N THR B 41 6.47 8.56 8.02
CA THR B 41 7.48 7.50 7.88
C THR B 41 6.85 6.29 7.20
N ARG B 42 5.52 6.27 7.16
CA ARG B 42 4.76 5.27 6.41
C ARG B 42 5.05 3.84 6.91
N GLN B 43 5.35 3.74 8.20
CA GLN B 43 5.64 2.47 8.86
C GLN B 43 4.41 1.89 9.53
N ASN B 44 3.72 2.72 10.31
CA ASN B 44 2.58 2.24 11.09
C ASN B 44 1.30 2.45 10.34
N ILE B 45 0.97 1.47 9.52
N ILE B 45 0.97 1.47 9.52
CA ILE B 45 -0.23 1.53 8.71
CA ILE B 45 -0.24 1.50 8.74
C ILE B 45 -1.49 1.35 9.57
C ILE B 45 -1.44 1.40 9.68
N GLU B 46 -2.39 2.32 9.49
CA GLU B 46 -3.63 2.34 10.27
C GLU B 46 -4.67 1.46 9.58
N ASP B 47 -4.99 1.80 8.33
CA ASP B 47 -5.88 1.00 7.50
C ASP B 47 -5.69 1.34 6.02
N LYS B 48 -6.48 0.69 5.17
CA LYS B 48 -6.41 0.89 3.73
C LYS B 48 -7.82 0.86 3.15
N VAL B 49 -8.01 1.56 2.04
CA VAL B 49 -9.21 1.39 1.22
C VAL B 49 -8.78 1.16 -0.23
N HIS B 50 -9.30 0.11 -0.88
CA HIS B 50 -9.12 -0.06 -2.32
C HIS B 50 -10.29 0.69 -2.95
N MET B 51 -10.05 1.93 -3.37
CA MET B 51 -11.14 2.85 -3.77
C MET B 51 -12.00 2.30 -4.90
N PRO B 52 -11.39 1.77 -5.98
CA PRO B 52 -12.25 1.25 -7.06
C PRO B 52 -13.20 0.13 -6.63
N MET B 53 -12.74 -0.76 -5.75
CA MET B 53 -13.57 -1.89 -5.33
C MET B 53 -14.40 -1.64 -4.05
N ASP B 54 -13.86 -0.86 -3.12
CA ASP B 54 -14.50 -0.65 -1.81
C ASP B 54 -15.45 0.53 -1.74
N CYS B 55 -15.16 1.61 -2.46
CA CYS B 55 -15.93 2.84 -2.32
C CYS B 55 -17.26 2.77 -3.06
N ILE B 56 -18.35 3.06 -2.34
CA ILE B 56 -19.70 3.13 -2.93
C ILE B 56 -20.08 4.59 -3.21
N ASN B 57 -19.66 5.48 -2.31
CA ASN B 57 -20.08 6.87 -2.35
C ASN B 57 -19.05 7.77 -1.66
N ILE B 58 -18.89 8.99 -2.17
CA ILE B 58 -18.11 10.02 -1.45
C ILE B 58 -19.01 11.22 -1.18
N ARG B 59 -19.14 11.56 0.10
CA ARG B 59 -19.92 12.72 0.55
C ARG B 59 -18.95 13.78 1.07
N THR B 60 -19.25 15.06 0.82
CA THR B 60 -18.44 16.15 1.38
C THR B 60 -19.33 17.30 1.83
N GLY B 61 -18.85 18.05 2.82
CA GLY B 61 -19.56 19.22 3.30
C GLY B 61 -20.84 18.85 4.00
N GLN B 62 -21.88 19.65 3.75
CA GLN B 62 -23.19 19.43 4.36
C GLN B 62 -23.78 18.05 4.05
N GLU B 63 -23.30 17.41 2.98
CA GLU B 63 -23.66 16.04 2.62
C GLU B 63 -23.31 15.00 3.70
N CYS B 64 -22.26 15.26 4.48
CA CYS B 64 -21.84 14.34 5.54
C CYS B 64 -22.94 14.09 6.58
N ARG B 65 -22.92 12.91 7.18
CA ARG B 65 -23.99 12.49 8.10
C ARG B 65 -23.45 11.99 9.44
N ASP B 66 -24.18 12.32 10.51
CA ASP B 66 -23.99 11.76 11.85
C ASP B 66 -22.61 11.93 12.47
N THR B 67 -21.86 12.90 11.97
CA THR B 67 -20.50 13.14 12.45
C THR B 67 -20.31 14.63 12.77
N GLN B 68 -19.90 14.90 13.99
CA GLN B 68 -19.55 16.24 14.43
C GLN B 68 -18.16 16.61 13.93
N PRO B 69 -18.01 17.81 13.31
CA PRO B 69 -16.68 18.26 12.91
C PRO B 69 -15.76 18.43 14.12
N PRO B 70 -14.45 18.21 13.93
CA PRO B 70 -13.50 18.41 15.02
C PRO B 70 -13.39 19.88 15.42
N ASP B 71 -12.78 20.12 16.59
CA ASP B 71 -12.59 21.47 17.10
C ASP B 71 -11.88 22.38 16.11
N GLY B 72 -12.46 23.56 15.88
CA GLY B 72 -11.86 24.57 15.02
C GLY B 72 -12.11 24.34 13.55
N LYS B 73 -13.13 23.53 13.23
CA LYS B 73 -13.51 23.21 11.85
C LYS B 73 -15.02 23.21 11.63
N SER B 74 -15.41 23.34 10.36
CA SER B 74 -16.79 23.29 9.90
C SER B 74 -17.02 22.05 9.02
N LYS B 75 -18.28 21.72 8.76
CA LYS B 75 -18.64 20.57 7.90
C LYS B 75 -18.10 20.64 6.47
N ASP B 76 -17.87 21.85 5.97
CA ASP B 76 -17.31 22.02 4.64
C ASP B 76 -15.85 21.56 4.54
N CYS B 77 -15.24 21.28 5.69
CA CYS B 77 -13.89 20.71 5.73
C CYS B 77 -13.92 19.19 5.74
N MET B 78 -15.13 18.63 5.82
CA MET B 78 -15.31 17.20 6.01
C MET B 78 -15.64 16.43 4.75
N LEU B 79 -15.16 15.20 4.69
CA LEU B 79 -15.60 14.25 3.69
C LEU B 79 -15.83 12.86 4.29
N GLN B 80 -16.64 12.07 3.60
CA GLN B 80 -16.94 10.71 4.05
C GLN B 80 -16.79 9.72 2.91
N ILE B 81 -15.99 8.68 3.15
CA ILE B 81 -15.86 7.57 2.22
C ILE B 81 -16.75 6.44 2.70
N VAL B 82 -17.81 6.19 1.94
CA VAL B 82 -18.80 5.16 2.27
C VAL B 82 -18.37 3.86 1.60
N CYS B 83 -18.21 2.81 2.41
CA CYS B 83 -17.59 1.56 1.93
C CYS B 83 -18.53 0.36 1.85
N ARG B 84 -18.12 -0.62 1.05
CA ARG B 84 -18.87 -1.84 0.75
C ARG B 84 -19.29 -2.66 1.97
N ASP B 85 -18.39 -2.75 2.96
CA ASP B 85 -18.67 -3.55 4.16
C ASP B 85 -19.63 -2.83 5.11
N GLY B 86 -20.08 -1.64 4.72
CA GLY B 86 -21.01 -0.86 5.52
C GLY B 86 -20.33 0.13 6.45
N LYS B 87 -19.00 0.23 6.32
CA LYS B 87 -18.22 1.18 7.12
C LYS B 87 -18.17 2.54 6.43
N THR B 88 -18.36 3.59 7.20
CA THR B 88 -18.16 4.96 6.72
C THR B 88 -16.95 5.57 7.42
N ILE B 89 -15.97 5.98 6.62
CA ILE B 89 -14.77 6.63 7.12
C ILE B 89 -14.92 8.14 7.01
N SER B 90 -14.89 8.82 8.16
CA SER B 90 -15.06 10.27 8.20
C SER B 90 -13.71 10.95 8.30
N LEU B 91 -13.51 11.94 7.41
CA LEU B 91 -12.25 12.64 7.29
C LEU B 91 -12.47 14.13 7.38
N CYS B 92 -11.49 14.84 7.94
CA CYS B 92 -11.54 16.29 7.99
C CYS B 92 -10.21 16.94 7.61
N ALA B 93 -10.27 17.79 6.60
CA ALA B 93 -9.13 18.57 6.12
C ALA B 93 -8.97 19.88 6.91
N GLU B 94 -7.83 20.54 6.73
N GLU B 94 -7.85 20.56 6.71
CA GLU B 94 -7.56 21.80 7.43
CA GLU B 94 -7.54 21.79 7.42
C GLU B 94 -8.42 22.95 6.90
C GLU B 94 -8.20 23.03 6.81
N SER B 95 -8.76 22.86 5.62
CA SER B 95 -9.47 23.94 4.92
C SER B 95 -10.47 23.36 3.94
N THR B 96 -11.42 24.18 3.50
CA THR B 96 -12.38 23.77 2.47
C THR B 96 -11.67 23.51 1.15
N ASP B 97 -10.64 24.30 0.84
CA ASP B 97 -9.80 24.06 -0.36
C ASP B 97 -9.20 22.65 -0.38
N ASP B 98 -8.59 22.26 0.74
N ASP B 98 -8.60 22.24 0.73
CA ASP B 98 -7.96 20.95 0.90
CA ASP B 98 -7.97 20.93 0.83
C ASP B 98 -8.99 19.81 0.84
C ASP B 98 -9.00 19.80 0.83
N CYS B 99 -10.16 20.05 1.44
CA CYS B 99 -11.26 19.07 1.43
C CYS B 99 -11.71 18.81 0.00
N LEU B 100 -11.85 19.88 -0.78
CA LEU B 100 -12.28 19.76 -2.16
C LEU B 100 -11.24 19.07 -3.04
N ALA B 101 -9.96 19.36 -2.80
CA ALA B 101 -8.87 18.72 -3.52
C ALA B 101 -8.89 17.22 -3.29
N TRP B 102 -9.11 16.82 -2.03
CA TRP B 102 -9.22 15.40 -1.71
C TRP B 102 -10.47 14.79 -2.33
N LYS B 103 -11.58 15.53 -2.28
CA LYS B 103 -12.85 15.03 -2.84
C LYS B 103 -12.69 14.59 -4.27
N PHE B 104 -12.16 15.48 -5.10
CA PHE B 104 -12.11 15.20 -6.54
C PHE B 104 -11.04 14.20 -6.96
N THR B 105 -9.91 14.21 -6.27
N THR B 105 -9.91 14.19 -6.27
CA THR B 105 -8.88 13.19 -6.49
CA THR B 105 -8.89 13.19 -6.51
C THR B 105 -9.35 11.80 -6.05
C THR B 105 -9.34 11.79 -6.05
N LEU B 106 -10.09 11.73 -4.94
CA LEU B 106 -10.66 10.47 -4.46
C LEU B 106 -11.72 9.96 -5.44
N GLN B 107 -12.53 10.87 -5.98
N GLN B 107 -12.53 10.87 -5.97
CA GLN B 107 -13.54 10.50 -6.97
CA GLN B 107 -13.53 10.51 -6.96
C GLN B 107 -12.89 9.93 -8.23
C GLN B 107 -12.87 9.91 -8.21
N ASP B 108 -11.79 10.56 -8.66
CA ASP B 108 -11.00 10.07 -9.81
C ASP B 108 -10.39 8.69 -9.55
N SER B 109 -9.98 8.44 -8.30
CA SER B 109 -9.31 7.18 -7.92
C SER B 109 -10.22 5.97 -8.09
N ARG B 110 -11.52 6.20 -8.00
CA ARG B 110 -12.53 5.15 -8.14
C ARG B 110 -12.55 4.56 -9.55
N THR B 111 -11.99 5.28 -10.52
CA THR B 111 -11.95 4.80 -11.91
C THR B 111 -10.57 4.31 -12.34
N ASN B 112 -9.63 4.32 -11.40
CA ASN B 112 -8.25 3.87 -11.65
C ASN B 112 -8.05 2.37 -11.37
#